data_7WNW
#
_entry.id   7WNW
#
_cell.length_a   120.555
_cell.length_b   62.444
_cell.length_c   93.316
_cell.angle_alpha   90.000
_cell.angle_beta   96.753
_cell.angle_gamma   90.000
#
_symmetry.space_group_name_H-M   'C 1 2 1'
#
loop_
_entity.id
_entity.type
_entity.pdbx_description
1 polymer '3-hydroxyisobutyrate dehydrogenase-like beta-hydroxyacid dehydrogenase'
2 non-polymer 'NADP NICOTINAMIDE-ADENINE-DINUCLEOTIDE PHOSPHATE'
3 water water
#
_entity_poly.entity_id   1
_entity_poly.type   'polypeptide(L)'
_entity_poly.pdbx_seq_one_letter_code
;MGSSHHHHHHSSGLVPRGSHMPESTTPSTATPVTIIGLGAMGTALANAFLDAGHSTTVWNRTAARATALAARGAHHAETV
TEAIAASPLVIACVLDYDAFHETLAPATDALAGRALVNLTTGTPKQARETASWAADHRIDYLDGKIMAIPPGIATPDSFI
LYSGPLGTFEAHRSTLEVLGAANHVGTDAGLASLHDIALLTGMYGMIAGILQAFALIDSEGIPAGDLAPMLTNWLTGAAH
SVAHYAQQIDTGDYETGVVFNLAHQSHGFAKLVQAGEDQGVDVGLLRPLFELMRHQVAAGYGNGDVASVIELIRREERRQ
PAKSPGADKITRARRP
;
_entity_poly.pdbx_strand_id   B,A
#
loop_
_chem_comp.id
_chem_comp.type
_chem_comp.name
_chem_comp.formula
NAP non-polymer 'NADP NICOTINAMIDE-ADENINE-DINUCLEOTIDE PHOSPHATE' 'C21 H28 N7 O17 P3'
#
# COMPACT_ATOMS: atom_id res chain seq x y z
N ALA A 30 -5.53 41.68 3.33
CA ALA A 30 -4.88 40.46 2.89
C ALA A 30 -3.38 40.66 2.80
N THR A 31 -2.64 39.80 3.50
CA THR A 31 -1.19 39.87 3.47
C THR A 31 -0.67 39.73 2.05
N PRO A 32 0.26 40.58 1.62
CA PRO A 32 0.97 40.30 0.37
C PRO A 32 1.90 39.12 0.54
N VAL A 33 2.10 38.38 -0.56
CA VAL A 33 2.90 37.16 -0.52
C VAL A 33 3.88 37.19 -1.68
N THR A 34 5.04 36.60 -1.45
CA THR A 34 6.03 36.38 -2.49
C THR A 34 6.16 34.88 -2.71
N ILE A 35 6.10 34.45 -3.96
CA ILE A 35 6.37 33.06 -4.32
C ILE A 35 7.72 33.03 -5.02
N ILE A 36 8.62 32.21 -4.49
CA ILE A 36 9.96 32.00 -5.04
C ILE A 36 9.95 30.61 -5.63
N GLY A 37 10.01 30.53 -6.96
CA GLY A 37 9.90 29.26 -7.64
C GLY A 37 8.53 28.99 -8.23
N LEU A 38 8.44 29.01 -9.55
CA LEU A 38 7.16 28.98 -10.24
C LEU A 38 7.09 27.81 -11.20
N GLY A 39 7.53 26.63 -10.74
CA GLY A 39 7.28 25.41 -11.46
C GLY A 39 5.82 25.04 -11.30
N ALA A 40 5.49 23.77 -11.46
CA ALA A 40 4.09 23.36 -11.42
C ALA A 40 3.45 23.69 -10.08
N MET A 41 4.12 23.31 -8.99
CA MET A 41 3.51 23.56 -7.68
C MET A 41 3.56 25.06 -7.33
N GLY A 42 4.70 25.72 -7.56
CA GLY A 42 4.81 27.13 -7.21
C GLY A 42 3.81 27.99 -7.97
N THR A 43 3.61 27.69 -9.26
CA THR A 43 2.59 28.35 -10.04
C THR A 43 1.20 28.14 -9.43
N ALA A 44 0.93 26.94 -8.92
CA ALA A 44 -0.36 26.70 -8.26
C ALA A 44 -0.53 27.58 -7.02
N LEU A 45 0.53 27.76 -6.24
CA LEU A 45 0.42 28.60 -5.05
C LEU A 45 0.18 30.05 -5.44
N ALA A 46 0.91 30.54 -6.43
CA ALA A 46 0.69 31.90 -6.89
C ALA A 46 -0.75 32.09 -7.38
N ASN A 47 -1.26 31.14 -8.16
CA ASN A 47 -2.62 31.25 -8.66
C ASN A 47 -3.64 31.24 -7.53
N ALA A 48 -3.41 30.42 -6.49
CA ALA A 48 -4.32 30.40 -5.36
C ALA A 48 -4.34 31.74 -4.62
N PHE A 49 -3.16 32.33 -4.40
CA PHE A 49 -3.13 33.62 -3.74
C PHE A 49 -3.74 34.73 -4.60
N LEU A 50 -3.46 34.71 -5.92
CA LEU A 50 -4.16 35.63 -6.82
C LEU A 50 -5.67 35.46 -6.73
N ASP A 51 -6.15 34.23 -6.84
CA ASP A 51 -7.60 33.99 -6.77
C ASP A 51 -8.18 34.43 -5.43
N ALA A 52 -7.38 34.47 -4.37
CA ALA A 52 -7.84 34.89 -3.06
C ALA A 52 -7.69 36.39 -2.82
N GLY A 53 -7.13 37.13 -3.77
CA GLY A 53 -7.03 38.57 -3.64
C GLY A 53 -5.80 39.10 -2.95
N HIS A 54 -4.79 38.28 -2.71
CA HIS A 54 -3.54 38.78 -2.16
C HIS A 54 -2.73 39.44 -3.26
N SER A 55 -2.00 40.48 -2.89
CA SER A 55 -1.00 41.06 -3.79
C SER A 55 0.20 40.11 -3.85
N THR A 56 0.45 39.53 -5.01
CA THR A 56 1.36 38.40 -5.14
C THR A 56 2.54 38.79 -6.02
N THR A 57 3.72 38.72 -5.45
CA THR A 57 4.96 38.96 -6.16
C THR A 57 5.64 37.63 -6.43
N VAL A 58 6.15 37.45 -7.65
CA VAL A 58 6.71 36.16 -8.06
C VAL A 58 8.11 36.32 -8.62
N TRP A 59 8.86 35.24 -8.54
CA TRP A 59 10.19 35.17 -9.11
C TRP A 59 10.48 33.72 -9.45
N ASN A 60 11.08 33.51 -10.61
CA ASN A 60 11.52 32.20 -11.02
C ASN A 60 12.87 32.34 -11.69
N ARG A 61 13.71 31.33 -11.52
CA ARG A 61 14.99 31.31 -12.22
C ARG A 61 14.79 31.53 -13.72
N THR A 62 13.83 30.83 -14.31
CA THR A 62 13.46 31.06 -15.71
C THR A 62 12.32 32.07 -15.75
N ALA A 63 12.59 33.24 -16.35
CA ALA A 63 11.64 34.35 -16.33
C ALA A 63 10.32 34.01 -16.98
N ALA A 64 10.32 33.09 -17.97
CA ALA A 64 9.09 32.78 -18.70
C ALA A 64 7.96 32.43 -17.75
N ARG A 65 8.25 31.66 -16.69
CA ARG A 65 7.18 31.24 -15.80
C ARG A 65 6.70 32.40 -14.93
N ALA A 66 7.58 33.36 -14.63
CA ALA A 66 7.11 34.56 -13.97
C ALA A 66 6.19 35.37 -14.90
N THR A 67 6.57 35.51 -16.17
CA THR A 67 5.74 36.24 -17.13
C THR A 67 4.33 35.66 -17.24
N ALA A 68 4.19 34.34 -17.11
CA ALA A 68 2.87 33.73 -17.18
C ALA A 68 1.97 34.20 -16.05
N LEU A 69 2.54 34.42 -14.87
CA LEU A 69 1.72 34.81 -13.73
C LEU A 69 1.49 36.31 -13.73
N ALA A 70 2.48 37.05 -14.22
CA ALA A 70 2.30 38.48 -14.49
C ALA A 70 1.05 38.74 -15.33
N ALA A 71 0.81 37.90 -16.34
CA ALA A 71 -0.41 38.01 -17.14
C ALA A 71 -1.65 38.04 -16.26
N ARG A 72 -1.62 37.31 -15.14
CA ARG A 72 -2.74 37.17 -14.22
C ARG A 72 -2.79 38.25 -13.15
N GLY A 73 -1.80 39.14 -13.10
CA GLY A 73 -1.74 40.18 -12.09
C GLY A 73 -0.60 40.06 -11.10
N ALA A 74 0.18 38.99 -11.16
CA ALA A 74 1.31 38.87 -10.24
C ALA A 74 2.35 39.94 -10.56
N HIS A 75 3.02 40.41 -9.53
CA HIS A 75 4.12 41.35 -9.75
C HIS A 75 5.39 40.58 -10.04
N HIS A 76 5.88 40.70 -11.27
CA HIS A 76 7.04 39.96 -11.73
C HIS A 76 8.30 40.68 -11.25
N ALA A 77 9.07 40.03 -10.38
CA ALA A 77 10.29 40.65 -9.88
C ALA A 77 11.49 40.10 -10.62
N GLU A 78 12.42 41.00 -10.99
CA GLU A 78 13.54 40.55 -11.81
C GLU A 78 14.55 39.75 -11.00
N THR A 79 14.68 40.03 -9.71
CA THR A 79 15.65 39.35 -8.88
C THR A 79 14.97 38.84 -7.62
N VAL A 80 15.63 37.88 -6.97
CA VAL A 80 15.09 37.32 -5.73
C VAL A 80 15.01 38.37 -4.64
N THR A 81 15.95 39.33 -4.60
CA THR A 81 15.91 40.33 -3.55
C THR A 81 14.71 41.27 -3.72
N GLU A 82 14.45 41.75 -4.94
CA GLU A 82 13.25 42.55 -5.16
C GLU A 82 12.00 41.79 -4.77
N ALA A 83 11.92 40.50 -5.13
CA ALA A 83 10.70 39.76 -4.83
C ALA A 83 10.51 39.61 -3.31
N ILE A 84 11.59 39.27 -2.62
CA ILE A 84 11.54 39.09 -1.17
C ILE A 84 11.14 40.38 -0.49
N ALA A 85 11.71 41.49 -0.97
CA ALA A 85 11.45 42.81 -0.38
C ALA A 85 9.99 43.23 -0.54
N ALA A 86 9.23 42.57 -1.41
CA ALA A 86 7.87 43.00 -1.68
C ALA A 86 6.90 42.61 -0.58
N SER A 87 7.27 41.68 0.30
CA SER A 87 6.25 40.97 1.05
C SER A 87 6.75 40.61 2.44
N PRO A 88 5.86 40.59 3.43
CA PRO A 88 6.27 40.13 4.76
C PRO A 88 6.38 38.62 4.80
N LEU A 89 5.59 37.95 3.96
CA LEU A 89 5.54 36.51 3.86
C LEU A 89 6.11 36.06 2.51
N VAL A 90 7.12 35.19 2.58
CA VAL A 90 7.79 34.60 1.43
C VAL A 90 7.59 33.08 1.45
N ILE A 91 7.10 32.53 0.34
CA ILE A 91 6.90 31.09 0.21
C ILE A 91 7.79 30.58 -0.89
N ALA A 92 8.76 29.72 -0.55
CA ALA A 92 9.64 29.12 -1.54
C ALA A 92 9.15 27.71 -1.87
N CYS A 93 9.16 27.39 -3.16
CA CYS A 93 8.75 26.07 -3.57
C CYS A 93 9.54 25.75 -4.85
N VAL A 94 10.81 25.39 -4.66
CA VAL A 94 11.69 25.02 -5.77
C VAL A 94 11.93 23.52 -5.70
N LEU A 95 12.82 23.01 -6.56
CA LEU A 95 12.93 21.57 -6.78
C LEU A 95 13.40 20.84 -5.52
N ASP A 96 14.51 21.31 -4.93
CA ASP A 96 15.15 20.65 -3.79
C ASP A 96 15.82 21.73 -2.94
N TYR A 97 16.32 21.31 -1.77
CA TYR A 97 16.94 22.25 -0.85
C TYR A 97 18.24 22.83 -1.37
N ASP A 98 18.85 22.19 -2.36
CA ASP A 98 20.02 22.79 -2.98
C ASP A 98 19.65 24.04 -3.78
N ALA A 99 18.62 23.93 -4.62
CA ALA A 99 18.12 25.10 -5.31
C ALA A 99 17.68 26.18 -4.33
N PHE A 100 17.03 25.77 -3.25
CA PHE A 100 16.62 26.69 -2.22
C PHE A 100 17.82 27.45 -1.65
N HIS A 101 18.88 26.72 -1.31
CA HIS A 101 20.07 27.31 -0.76
C HIS A 101 20.77 28.19 -1.78
N GLU A 102 20.94 27.69 -3.01
CA GLU A 102 21.58 28.47 -4.06
C GLU A 102 20.82 29.76 -4.33
N THR A 103 19.50 29.78 -4.11
CA THR A 103 18.67 30.93 -4.45
C THR A 103 18.54 31.94 -3.32
N LEU A 104 18.39 31.47 -2.08
CA LEU A 104 18.08 32.36 -0.98
C LEU A 104 19.29 32.76 -0.15
N ALA A 105 20.39 32.02 -0.24
CA ALA A 105 21.58 32.39 0.53
C ALA A 105 22.12 33.77 0.19
N PRO A 106 22.28 34.15 -1.09
CA PRO A 106 22.69 35.53 -1.37
C PRO A 106 21.74 36.57 -0.79
N ALA A 107 20.44 36.28 -0.75
CA ALA A 107 19.45 37.23 -0.25
C ALA A 107 19.22 37.11 1.24
N THR A 108 20.16 36.53 1.98
CA THR A 108 20.00 36.36 3.42
C THR A 108 19.61 37.66 4.11
N ASP A 109 20.36 38.73 3.87
CA ASP A 109 20.07 40.01 4.51
C ASP A 109 18.72 40.56 4.07
N ALA A 110 18.39 40.40 2.79
CA ALA A 110 17.10 40.86 2.30
C ALA A 110 15.95 40.25 3.08
N LEU A 111 16.16 39.05 3.63
CA LEU A 111 15.11 38.30 4.31
C LEU A 111 14.93 38.67 5.78
N ALA A 112 15.87 39.41 6.38
CA ALA A 112 15.76 39.75 7.79
C ALA A 112 14.43 40.43 8.08
N GLY A 113 13.80 40.01 9.18
CA GLY A 113 12.52 40.55 9.60
C GLY A 113 11.32 39.93 8.95
N ARG A 114 11.49 38.95 8.07
CA ARG A 114 10.37 38.42 7.31
C ARG A 114 10.07 37.00 7.73
N ALA A 115 8.88 36.56 7.38
CA ALA A 115 8.51 35.17 7.48
C ALA A 115 8.88 34.47 6.19
N LEU A 116 9.57 33.33 6.32
CA LEU A 116 9.95 32.48 5.18
C LEU A 116 9.32 31.11 5.38
N VAL A 117 8.49 30.70 4.43
CA VAL A 117 7.85 29.39 4.47
C VAL A 117 8.42 28.58 3.32
N ASN A 118 9.10 27.49 3.65
CA ASN A 118 9.77 26.66 2.65
C ASN A 118 8.94 25.40 2.41
N LEU A 119 8.33 25.30 1.22
CA LEU A 119 7.53 24.15 0.83
C LEU A 119 8.30 23.21 -0.09
N THR A 120 9.62 23.31 -0.10
CA THR A 120 10.44 22.41 -0.89
C THR A 120 10.52 21.02 -0.24
N THR A 121 10.43 19.99 -1.07
CA THR A 121 10.66 18.62 -0.61
C THR A 121 12.13 18.45 -0.20
N GLY A 122 12.35 17.87 0.98
CA GLY A 122 13.71 17.58 1.42
C GLY A 122 13.70 16.72 2.66
N THR A 123 14.90 16.48 3.18
CA THR A 123 15.08 15.64 4.37
C THR A 123 14.89 16.44 5.65
N PRO A 124 14.67 15.76 6.78
CA PRO A 124 14.61 16.49 8.06
C PRO A 124 15.91 17.21 8.37
N LYS A 125 17.05 16.62 8.03
CA LYS A 125 18.32 17.31 8.27
C LYS A 125 18.38 18.63 7.49
N GLN A 126 17.86 18.64 6.26
CA GLN A 126 17.86 19.86 5.48
C GLN A 126 16.97 20.91 6.13
N ALA A 127 15.78 20.51 6.58
CA ALA A 127 14.88 21.44 7.24
C ALA A 127 15.50 22.00 8.52
N ARG A 128 16.23 21.18 9.26
CA ARG A 128 16.74 21.65 10.54
C ARG A 128 17.92 22.60 10.33
N GLU A 129 18.81 22.28 9.38
CA GLU A 129 19.91 23.17 9.06
C GLU A 129 19.42 24.47 8.46
N THR A 130 18.36 24.41 7.65
CA THR A 130 17.79 25.65 7.14
C THR A 130 17.18 26.45 8.28
N ALA A 131 16.46 25.79 9.18
CA ALA A 131 15.87 26.52 10.29
C ALA A 131 16.91 27.11 11.22
N SER A 132 18.12 26.54 11.25
CA SER A 132 19.17 27.12 12.07
C SER A 132 19.74 28.37 11.40
N TRP A 133 20.01 28.26 10.11
CA TRP A 133 20.44 29.40 9.32
C TRP A 133 19.44 30.53 9.42
N ALA A 134 18.14 30.21 9.36
CA ALA A 134 17.12 31.24 9.46
C ALA A 134 17.15 31.93 10.82
N ALA A 135 17.07 31.15 11.90
CA ALA A 135 17.01 31.75 13.22
C ALA A 135 18.28 32.54 13.54
N ASP A 136 19.38 32.27 12.85
CA ASP A 136 20.61 33.03 13.04
C ASP A 136 20.60 34.40 12.35
N HIS A 137 19.69 34.61 11.38
CA HIS A 137 19.68 35.83 10.58
C HIS A 137 18.33 36.52 10.64
N ARG A 138 17.65 36.41 11.78
CA ARG A 138 16.42 37.14 12.06
C ARG A 138 15.33 36.83 11.05
N ILE A 139 15.37 35.63 10.45
CA ILE A 139 14.33 35.17 9.53
C ILE A 139 13.37 34.29 10.33
N ASP A 140 12.08 34.64 10.29
CA ASP A 140 11.02 33.80 10.87
C ASP A 140 10.78 32.63 9.92
N TYR A 141 11.23 31.43 10.30
CA TYR A 141 11.24 30.31 9.38
C TYR A 141 10.08 29.36 9.66
N LEU A 142 9.59 28.75 8.60
CA LEU A 142 8.57 27.71 8.70
C LEU A 142 8.81 26.70 7.60
N ASP A 143 8.90 25.43 7.97
CA ASP A 143 9.15 24.37 7.01
C ASP A 143 7.84 23.63 6.77
N GLY A 144 7.42 23.53 5.52
CA GLY A 144 6.13 22.93 5.22
C GLY A 144 6.25 21.91 4.11
N LYS A 145 5.22 21.05 4.01
CA LYS A 145 5.24 19.96 3.03
C LYS A 145 3.84 19.78 2.46
N ILE A 146 3.74 19.81 1.14
CA ILE A 146 2.45 19.80 0.47
C ILE A 146 2.04 18.36 0.21
N MET A 147 0.92 17.95 0.80
CA MET A 147 0.34 16.63 0.52
C MET A 147 -0.81 16.82 -0.46
N ALA A 148 -0.43 17.12 -1.70
CA ALA A 148 -1.40 17.50 -2.72
C ALA A 148 -0.65 17.63 -4.03
N ILE A 149 -1.41 17.66 -5.12
CA ILE A 149 -0.85 17.94 -6.43
C ILE A 149 -1.32 19.33 -6.83
N PRO A 150 -0.69 20.01 -7.79
CA PRO A 150 -1.00 21.42 -8.06
C PRO A 150 -2.49 21.67 -8.31
N PRO A 151 -3.19 20.84 -9.11
CA PRO A 151 -4.65 21.02 -9.21
C PRO A 151 -5.38 21.02 -7.87
N GLY A 152 -4.84 20.33 -6.86
CA GLY A 152 -5.53 20.21 -5.59
C GLY A 152 -5.37 21.40 -4.66
N ILE A 153 -4.36 22.24 -4.91
CA ILE A 153 -4.15 23.41 -4.06
C ILE A 153 -5.42 24.26 -4.00
N ALA A 154 -5.68 24.81 -2.81
CA ALA A 154 -6.85 25.63 -2.54
C ALA A 154 -8.17 24.91 -2.80
N THR A 155 -8.14 23.59 -2.85
CA THR A 155 -9.34 22.75 -2.87
C THR A 155 -9.43 21.98 -1.57
N PRO A 156 -10.59 21.38 -1.25
CA PRO A 156 -10.74 20.73 0.06
C PRO A 156 -9.86 19.50 0.24
N ASP A 157 -9.31 18.96 -0.85
CA ASP A 157 -8.43 17.80 -0.82
C ASP A 157 -7.01 18.15 -0.37
N SER A 158 -6.66 19.42 -0.36
CA SER A 158 -5.30 19.89 -0.14
C SER A 158 -5.00 20.03 1.34
N PHE A 159 -3.86 19.51 1.79
CA PHE A 159 -3.35 19.91 3.08
C PHE A 159 -1.84 20.00 3.06
N ILE A 160 -1.32 20.83 3.95
CA ILE A 160 0.10 21.09 4.07
C ILE A 160 0.46 20.95 5.53
N LEU A 161 1.52 20.21 5.82
CA LEU A 161 2.02 20.06 7.17
C LEU A 161 3.15 21.06 7.40
N TYR A 162 3.18 21.69 8.57
CA TYR A 162 4.23 22.63 8.84
C TYR A 162 4.91 22.28 10.15
N SER A 163 6.17 22.67 10.25
CA SER A 163 6.90 22.46 11.48
C SER A 163 7.91 23.58 11.61
N GLY A 164 8.44 23.73 12.82
CA GLY A 164 9.29 24.85 13.13
C GLY A 164 8.63 25.82 14.08
N PRO A 165 9.26 27.01 14.26
CA PRO A 165 8.81 27.96 15.29
C PRO A 165 7.32 28.24 15.24
N LEU A 166 6.62 27.95 16.34
CA LEU A 166 5.18 28.14 16.40
C LEU A 166 4.76 29.58 16.11
N GLY A 167 5.60 30.55 16.49
CA GLY A 167 5.26 31.95 16.27
C GLY A 167 5.04 32.29 14.80
N THR A 168 5.96 31.87 13.93
CA THR A 168 5.75 32.05 12.50
C THR A 168 4.43 31.44 12.04
N PHE A 169 4.18 30.19 12.42
CA PHE A 169 2.95 29.53 12.00
C PHE A 169 1.71 30.29 12.47
N GLU A 170 1.74 30.82 13.69
CA GLU A 170 0.54 31.45 14.21
C GLU A 170 0.24 32.76 13.50
N ALA A 171 1.28 33.57 13.26
CA ALA A 171 1.07 34.87 12.64
C ALA A 171 0.54 34.75 11.23
N HIS A 172 0.89 33.70 10.49
CA HIS A 172 0.53 33.61 9.08
C HIS A 172 -0.41 32.47 8.75
N ARG A 173 -1.01 31.82 9.75
CA ARG A 173 -1.81 30.62 9.49
C ARG A 173 -2.93 30.90 8.50
N SER A 174 -3.73 31.92 8.78
CA SER A 174 -4.91 32.19 7.96
C SER A 174 -4.52 32.43 6.50
N THR A 175 -3.39 33.08 6.26
CA THR A 175 -2.92 33.17 4.88
C THR A 175 -2.65 31.79 4.30
N LEU A 176 -1.95 30.95 5.06
CA LEU A 176 -1.56 29.65 4.54
C LEU A 176 -2.77 28.79 4.23
N GLU A 177 -3.87 29.03 4.93
CA GLU A 177 -5.08 28.26 4.68
C GLU A 177 -5.68 28.51 3.30
N VAL A 178 -5.20 29.54 2.59
CA VAL A 178 -5.59 29.74 1.19
C VAL A 178 -5.19 28.51 0.37
N LEU A 179 -4.03 27.94 0.66
CA LEU A 179 -3.54 26.77 -0.07
C LEU A 179 -4.25 25.47 0.31
N GLY A 180 -4.88 25.40 1.48
CA GLY A 180 -5.51 24.19 1.94
C GLY A 180 -5.35 24.06 3.44
N ALA A 181 -5.74 22.90 3.98
CA ALA A 181 -5.61 22.66 5.42
C ALA A 181 -4.17 22.87 5.87
N ALA A 182 -4.01 23.42 7.08
CA ALA A 182 -2.69 23.74 7.63
C ALA A 182 -2.51 23.07 8.98
N ASN A 183 -1.65 22.06 9.03
CA ASN A 183 -1.43 21.30 10.25
C ASN A 183 0.00 21.51 10.71
N HIS A 184 0.18 22.24 11.79
CA HIS A 184 1.45 22.38 12.46
C HIS A 184 1.73 21.11 13.27
N VAL A 185 2.80 20.41 12.93
CA VAL A 185 3.10 19.11 13.53
C VAL A 185 4.34 19.20 14.41
N GLY A 186 4.70 20.38 14.89
CA GLY A 186 5.66 20.50 15.97
C GLY A 186 6.78 21.47 15.65
N THR A 187 7.55 21.74 16.70
CA THR A 187 8.51 22.81 16.65
C THR A 187 9.85 22.36 16.07
N ASP A 188 10.23 21.09 16.26
CA ASP A 188 11.34 20.51 15.50
C ASP A 188 11.08 20.75 14.02
N ALA A 189 11.85 21.65 13.41
CA ALA A 189 11.63 22.02 12.02
C ALA A 189 11.65 20.83 11.08
N GLY A 190 12.33 19.75 11.46
CA GLY A 190 12.41 18.58 10.60
C GLY A 190 11.16 17.72 10.54
N LEU A 191 10.13 18.02 11.36
CA LEU A 191 9.01 17.09 11.56
C LEU A 191 8.06 17.05 10.37
N ALA A 192 7.81 18.18 9.71
CA ALA A 192 6.99 18.13 8.50
C ALA A 192 7.62 17.22 7.46
N SER A 193 8.93 17.37 7.24
CA SER A 193 9.63 16.52 6.31
C SER A 193 9.51 15.05 6.72
N LEU A 194 9.69 14.76 8.01
CA LEU A 194 9.55 13.39 8.52
C LEU A 194 8.16 12.85 8.22
N HIS A 195 7.12 13.67 8.48
CA HIS A 195 5.76 13.23 8.21
C HIS A 195 5.54 13.01 6.72
N ASP A 196 6.00 13.97 5.91
CA ASP A 196 5.86 13.86 4.46
C ASP A 196 6.53 12.60 3.92
N ILE A 197 7.73 12.29 4.39
CA ILE A 197 8.45 11.10 3.93
C ILE A 197 7.75 9.82 4.40
N ALA A 198 7.31 9.78 5.66
CA ALA A 198 6.54 8.63 6.13
C ALA A 198 5.34 8.37 5.22
N LEU A 199 4.56 9.40 4.88
CA LEU A 199 3.39 9.18 4.06
C LEU A 199 3.77 8.74 2.65
N LEU A 200 4.78 9.37 2.06
CA LEU A 200 5.19 8.97 0.72
C LEU A 200 5.70 7.54 0.73
N THR A 201 6.29 7.13 1.86
CA THR A 201 6.80 5.79 1.99
C THR A 201 5.68 4.77 2.05
N GLY A 202 4.62 5.06 2.83
CA GLY A 202 3.45 4.21 2.81
C GLY A 202 2.86 4.10 1.41
N MET A 203 2.76 5.24 0.72
CA MET A 203 2.14 5.24 -0.59
C MET A 203 2.98 4.44 -1.59
N TYR A 204 4.31 4.60 -1.57
CA TYR A 204 5.13 3.91 -2.57
C TYR A 204 5.18 2.40 -2.33
N GLY A 205 5.14 1.95 -1.08
CA GLY A 205 5.00 0.52 -0.86
C GLY A 205 3.68 0.00 -1.42
N MET A 206 2.62 0.79 -1.29
CA MET A 206 1.37 0.41 -1.91
C MET A 206 1.48 0.37 -3.44
N ILE A 207 2.17 1.36 -4.03
CA ILE A 207 2.39 1.38 -5.48
C ILE A 207 3.18 0.15 -5.91
N ALA A 208 4.23 -0.21 -5.16
CA ALA A 208 4.97 -1.41 -5.49
C ALA A 208 4.06 -2.63 -5.46
N GLY A 209 3.17 -2.70 -4.47
CA GLY A 209 2.23 -3.82 -4.42
C GLY A 209 1.26 -3.84 -5.57
N ILE A 210 0.74 -2.66 -5.95
CA ILE A 210 -0.20 -2.56 -7.07
C ILE A 210 0.46 -3.04 -8.35
N LEU A 211 1.66 -2.52 -8.64
CA LEU A 211 2.35 -2.90 -9.87
C LEU A 211 2.69 -4.37 -9.88
N GLN A 212 3.10 -4.91 -8.72
CA GLN A 212 3.38 -6.34 -8.65
C GLN A 212 2.10 -7.14 -8.88
N ALA A 213 0.99 -6.70 -8.31
CA ALA A 213 -0.27 -7.42 -8.50
C ALA A 213 -0.67 -7.41 -9.98
N PHE A 214 -0.51 -6.27 -10.65
CA PHE A 214 -0.87 -6.23 -12.06
C PHE A 214 0.07 -7.07 -12.91
N ALA A 215 1.38 -6.99 -12.65
CA ALA A 215 2.31 -7.84 -13.39
C ALA A 215 1.94 -9.32 -13.28
N LEU A 216 1.48 -9.75 -12.10
CA LEU A 216 1.11 -11.15 -11.92
C LEU A 216 -0.17 -11.47 -12.69
N ILE A 217 -1.18 -10.60 -12.60
CA ILE A 217 -2.45 -10.87 -13.28
C ILE A 217 -2.26 -10.76 -14.79
N ASP A 218 -1.33 -9.90 -15.21
CA ASP A 218 -0.96 -9.75 -16.62
C ASP A 218 -0.31 -11.01 -17.18
N SER A 219 0.23 -11.88 -16.32
CA SER A 219 0.92 -13.06 -16.83
C SER A 219 -0.04 -14.07 -17.45
N GLU A 220 -1.34 -13.95 -17.20
CA GLU A 220 -2.33 -14.73 -17.91
C GLU A 220 -3.13 -13.88 -18.89
N GLY A 221 -2.59 -12.73 -19.28
CA GLY A 221 -3.24 -11.89 -20.26
C GLY A 221 -4.49 -11.21 -19.76
N ILE A 222 -4.72 -11.19 -18.45
CA ILE A 222 -5.88 -10.48 -17.92
C ILE A 222 -5.59 -8.98 -17.95
N PRO A 223 -6.50 -8.16 -18.49
CA PRO A 223 -6.31 -6.72 -18.41
C PRO A 223 -6.19 -6.25 -16.96
N ALA A 224 -5.24 -5.34 -16.73
CA ALA A 224 -5.13 -4.69 -15.42
C ALA A 224 -6.46 -4.09 -14.98
N GLY A 225 -7.16 -3.43 -15.92
CA GLY A 225 -8.47 -2.88 -15.63
C GLY A 225 -9.50 -3.89 -15.20
N ASP A 226 -9.32 -5.16 -15.57
CA ASP A 226 -10.21 -6.23 -15.11
C ASP A 226 -10.04 -6.52 -13.62
N LEU A 227 -8.83 -6.33 -13.08
CA LEU A 227 -8.55 -6.57 -11.66
C LEU A 227 -8.76 -5.32 -10.83
N ALA A 228 -8.61 -4.15 -11.44
CA ALA A 228 -8.55 -2.87 -10.73
C ALA A 228 -9.69 -2.65 -9.76
N PRO A 229 -10.96 -2.90 -10.09
CA PRO A 229 -12.01 -2.70 -9.07
C PRO A 229 -11.79 -3.55 -7.83
N MET A 230 -11.57 -4.85 -8.01
CA MET A 230 -11.30 -5.72 -6.87
C MET A 230 -10.03 -5.30 -6.13
N LEU A 231 -8.97 -5.00 -6.86
CA LEU A 231 -7.76 -4.55 -6.20
C LEU A 231 -8.01 -3.30 -5.36
N THR A 232 -8.75 -2.34 -5.90
CA THR A 232 -9.01 -1.08 -5.19
C THR A 232 -9.76 -1.34 -3.90
N ASN A 233 -10.86 -2.10 -4.00
CA ASN A 233 -11.65 -2.44 -2.81
C ASN A 233 -10.81 -3.20 -1.80
N TRP A 234 -9.97 -4.12 -2.28
CA TRP A 234 -9.09 -4.87 -1.38
C TRP A 234 -8.16 -3.93 -0.63
N LEU A 235 -7.54 -2.99 -1.33
CA LEU A 235 -6.54 -2.17 -0.66
C LEU A 235 -7.18 -1.06 0.18
N THR A 236 -8.37 -0.58 -0.16
CA THR A 236 -9.04 0.34 0.76
C THR A 236 -9.36 -0.35 2.08
N GLY A 237 -9.84 -1.60 2.01
CA GLY A 237 -9.98 -2.39 3.23
C GLY A 237 -8.66 -2.61 3.93
N ALA A 238 -7.61 -2.92 3.17
CA ALA A 238 -6.27 -3.07 3.75
C ALA A 238 -5.84 -1.80 4.47
N ALA A 239 -6.14 -0.65 3.89
CA ALA A 239 -5.71 0.62 4.48
C ALA A 239 -6.24 0.80 5.89
N HIS A 240 -7.40 0.24 6.21
CA HIS A 240 -7.94 0.36 7.56
C HIS A 240 -7.28 -0.56 8.57
N SER A 241 -6.34 -1.40 8.15
CA SER A 241 -5.52 -2.17 9.08
C SER A 241 -4.41 -1.34 9.72
N VAL A 242 -4.23 -0.10 9.27
CA VAL A 242 -3.09 0.70 9.71
C VAL A 242 -3.12 0.85 11.23
N ALA A 243 -4.29 1.15 11.79
CA ALA A 243 -4.41 1.33 13.23
C ALA A 243 -3.98 0.08 13.98
N HIS A 244 -4.39 -1.08 13.48
CA HIS A 244 -4.00 -2.36 14.09
C HIS A 244 -2.49 -2.49 14.18
N TYR A 245 -1.78 -2.30 13.05
CA TYR A 245 -0.31 -2.40 13.11
C TYR A 245 0.26 -1.36 14.05
N ALA A 246 -0.35 -0.16 14.11
CA ALA A 246 0.13 0.90 14.98
C ALA A 246 -0.03 0.51 16.44
N GLN A 247 -1.12 -0.21 16.75
CA GLN A 247 -1.34 -0.73 18.09
C GLN A 247 -0.28 -1.75 18.46
N GLN A 248 0.07 -2.63 17.53
CA GLN A 248 1.07 -3.66 17.83
C GLN A 248 2.45 -3.06 17.98
N ILE A 249 2.78 -2.05 17.16
CA ILE A 249 4.08 -1.40 17.28
C ILE A 249 4.17 -0.64 18.60
N ASP A 250 3.10 0.03 18.99
CA ASP A 250 3.20 0.92 20.14
C ASP A 250 3.13 0.16 21.45
N THR A 251 2.35 -0.92 21.50
CA THR A 251 2.32 -1.80 22.66
C THR A 251 3.47 -2.78 22.69
N GLY A 252 4.19 -2.93 21.57
CA GLY A 252 5.25 -3.92 21.49
C GLY A 252 4.77 -5.34 21.64
N ASP A 253 3.50 -5.58 21.37
CA ASP A 253 2.91 -6.89 21.55
C ASP A 253 2.41 -7.37 20.19
N TYR A 254 3.19 -8.22 19.55
CA TYR A 254 2.90 -8.67 18.20
C TYR A 254 2.08 -9.94 18.16
N GLU A 255 1.72 -10.50 19.32
CA GLU A 255 1.16 -11.85 19.41
C GLU A 255 -0.33 -11.86 19.71
N THR A 256 -0.78 -11.12 20.71
CA THR A 256 -2.22 -10.97 20.88
C THR A 256 -2.79 -10.29 19.65
N GLY A 257 -4.02 -10.65 19.30
CA GLY A 257 -4.63 -10.12 18.10
C GLY A 257 -4.04 -10.68 16.83
N VAL A 258 -3.60 -11.94 16.85
CA VAL A 258 -3.03 -12.60 15.69
C VAL A 258 -4.01 -13.66 15.22
N VAL A 259 -4.56 -13.47 14.02
CA VAL A 259 -5.38 -14.49 13.40
C VAL A 259 -4.51 -15.53 12.71
N PHE A 260 -3.57 -15.06 11.89
CA PHE A 260 -2.76 -15.90 11.00
C PHE A 260 -1.32 -15.51 11.28
N ASN A 261 -0.56 -16.36 11.97
CA ASN A 261 0.71 -15.91 12.51
C ASN A 261 1.78 -15.73 11.44
N LEU A 262 2.89 -15.11 11.85
CA LEU A 262 3.97 -14.77 10.93
C LEU A 262 4.61 -16.00 10.28
N ALA A 263 4.75 -17.10 11.05
CA ALA A 263 5.36 -18.29 10.47
C ALA A 263 4.49 -18.86 9.34
N HIS A 264 3.17 -18.79 9.49
CA HIS A 264 2.29 -19.17 8.40
C HIS A 264 2.40 -18.20 7.22
N GLN A 265 2.32 -16.90 7.50
CA GLN A 265 2.50 -15.91 6.43
C GLN A 265 3.79 -16.15 5.66
N SER A 266 4.88 -16.44 6.37
CA SER A 266 6.14 -16.73 5.70
C SER A 266 6.01 -17.93 4.78
N HIS A 267 5.31 -18.97 5.25
CA HIS A 267 4.98 -20.10 4.39
C HIS A 267 4.21 -19.62 3.15
N GLY A 268 3.11 -18.91 3.37
CA GLY A 268 2.32 -18.43 2.24
C GLY A 268 3.13 -17.56 1.29
N PHE A 269 3.91 -16.63 1.85
CA PHE A 269 4.80 -15.79 1.05
C PHE A 269 5.70 -16.61 0.14
N ALA A 270 6.21 -17.74 0.64
CA ALA A 270 7.08 -18.58 -0.17
C ALA A 270 6.39 -19.05 -1.44
N LYS A 271 5.15 -19.53 -1.31
CA LYS A 271 4.40 -19.98 -2.48
C LYS A 271 4.11 -18.81 -3.41
N LEU A 272 3.83 -17.65 -2.82
CA LEU A 272 3.58 -16.44 -3.58
C LEU A 272 4.77 -16.08 -4.46
N VAL A 273 6.00 -16.35 -3.99
CA VAL A 273 7.19 -16.09 -4.79
C VAL A 273 7.39 -17.20 -5.83
N GLN A 274 7.08 -18.44 -5.45
CA GLN A 274 7.18 -19.56 -6.37
C GLN A 274 6.21 -19.41 -7.54
N ALA A 275 5.01 -18.91 -7.27
CA ALA A 275 4.05 -18.66 -8.34
C ALA A 275 4.59 -17.63 -9.33
N GLY A 276 5.28 -16.60 -8.84
CA GLY A 276 5.78 -15.55 -9.72
C GLY A 276 6.80 -16.06 -10.72
N GLU A 277 7.70 -16.93 -10.28
CA GLU A 277 8.64 -17.50 -11.23
C GLU A 277 7.99 -18.61 -12.08
N ASP A 278 6.97 -19.28 -11.54
CA ASP A 278 6.16 -20.16 -12.38
C ASP A 278 5.51 -19.40 -13.53
N GLN A 279 5.04 -18.19 -13.25
CA GLN A 279 4.37 -17.34 -14.24
C GLN A 279 5.33 -16.42 -15.00
N GLY A 280 6.64 -16.52 -14.77
CA GLY A 280 7.55 -15.67 -15.50
C GLY A 280 7.55 -14.21 -15.09
N VAL A 281 7.06 -13.90 -13.89
CA VAL A 281 6.97 -12.55 -13.39
C VAL A 281 8.07 -12.35 -12.35
N ASP A 282 8.78 -11.24 -12.44
CA ASP A 282 9.75 -10.86 -11.42
C ASP A 282 9.02 -10.52 -10.13
N VAL A 283 9.43 -11.13 -9.02
CA VAL A 283 8.84 -10.86 -7.71
C VAL A 283 9.83 -10.15 -6.78
N GLY A 284 10.85 -9.49 -7.33
CA GLY A 284 11.86 -8.85 -6.50
C GLY A 284 11.34 -7.72 -5.62
N LEU A 285 10.20 -7.11 -5.97
CA LEU A 285 9.63 -6.04 -5.15
C LEU A 285 9.35 -6.52 -3.73
N LEU A 286 9.02 -7.80 -3.56
CA LEU A 286 8.60 -8.30 -2.26
C LEU A 286 9.70 -9.03 -1.51
N ARG A 287 10.85 -9.29 -2.12
CA ARG A 287 11.91 -10.02 -1.43
C ARG A 287 12.40 -9.32 -0.15
N PRO A 288 12.61 -7.99 -0.11
CA PRO A 288 13.09 -7.40 1.15
C PRO A 288 12.14 -7.64 2.33
N LEU A 289 10.83 -7.50 2.11
CA LEU A 289 9.88 -7.81 3.17
C LEU A 289 9.94 -9.28 3.54
N PHE A 290 9.98 -10.15 2.53
CA PHE A 290 10.10 -11.60 2.73
C PHE A 290 11.33 -11.95 3.55
N GLU A 291 12.48 -11.31 3.25
CA GLU A 291 13.68 -11.58 4.03
C GLU A 291 13.52 -11.16 5.48
N LEU A 292 12.93 -9.98 5.73
CA LEU A 292 12.67 -9.59 7.10
C LEU A 292 11.74 -10.57 7.79
N MET A 293 10.73 -11.05 7.06
CA MET A 293 9.80 -11.99 7.65
C MET A 293 10.50 -13.30 8.02
N ARG A 294 11.28 -13.85 7.09
CA ARG A 294 11.97 -15.10 7.38
C ARG A 294 12.97 -14.94 8.52
N HIS A 295 13.73 -13.84 8.52
CA HIS A 295 14.64 -13.57 9.62
C HIS A 295 13.90 -13.55 10.96
N GLN A 296 12.70 -12.96 10.99
CA GLN A 296 11.99 -12.89 12.26
C GLN A 296 11.48 -14.27 12.69
N VAL A 297 11.05 -15.11 11.75
CA VAL A 297 10.62 -16.45 12.09
C VAL A 297 11.80 -17.25 12.63
N ALA A 298 12.98 -17.08 12.03
CA ALA A 298 14.17 -17.78 12.49
C ALA A 298 14.58 -17.31 13.88
N ALA A 299 14.43 -16.01 14.17
CA ALA A 299 14.75 -15.50 15.51
C ALA A 299 13.70 -15.88 16.56
N GLY A 300 12.65 -16.61 16.20
CA GLY A 300 11.67 -17.07 17.15
C GLY A 300 10.40 -16.25 17.28
N TYR A 301 10.09 -15.37 16.33
CA TYR A 301 8.91 -14.53 16.38
C TYR A 301 7.72 -15.11 15.62
N GLY A 302 7.78 -16.40 15.27
CA GLY A 302 6.84 -16.98 14.32
C GLY A 302 5.41 -17.01 14.77
N ASN A 303 5.17 -16.88 16.08
CA ASN A 303 3.82 -16.86 16.63
C ASN A 303 3.22 -15.46 16.71
N GLY A 304 4.01 -14.43 16.45
CA GLY A 304 3.53 -13.07 16.36
C GLY A 304 3.02 -12.74 14.97
N ASP A 305 2.94 -11.45 14.68
CA ASP A 305 2.40 -10.96 13.43
C ASP A 305 3.51 -10.30 12.62
N VAL A 306 3.16 -9.86 11.40
CA VAL A 306 4.18 -9.34 10.50
C VAL A 306 4.76 -8.03 11.02
N ALA A 307 4.00 -7.29 11.84
CA ALA A 307 4.46 -5.99 12.34
C ALA A 307 5.77 -6.09 13.10
N SER A 308 6.10 -7.26 13.67
CA SER A 308 7.36 -7.41 14.38
C SER A 308 8.57 -7.16 13.49
N VAL A 309 8.38 -7.20 12.17
CA VAL A 309 9.46 -6.87 11.26
C VAL A 309 10.01 -5.47 11.53
N ILE A 310 9.21 -4.60 12.17
CA ILE A 310 9.67 -3.23 12.42
C ILE A 310 10.92 -3.23 13.29
N GLU A 311 11.10 -4.27 14.12
CA GLU A 311 12.28 -4.35 14.97
C GLU A 311 13.56 -4.38 14.15
N LEU A 312 13.51 -4.92 12.95
CA LEU A 312 14.72 -5.03 12.17
C LEU A 312 15.03 -3.77 11.37
N ILE A 313 14.09 -2.85 11.21
CA ILE A 313 14.35 -1.64 10.41
C ILE A 313 14.26 -0.36 11.21
N ARG A 314 13.69 -0.39 12.41
CA ARG A 314 13.57 0.83 13.17
C ARG A 314 14.91 1.21 13.77
N ARG A 315 15.02 2.49 14.12
CA ARG A 315 16.23 3.03 14.72
C ARG A 315 16.66 2.20 15.92
N GLU A 316 17.98 1.95 16.00
CA GLU A 316 18.51 1.03 17.02
C GLU A 316 18.04 1.40 18.43
N GLU A 317 18.05 2.69 18.77
CA GLU A 317 17.63 3.09 20.11
C GLU A 317 16.16 2.80 20.38
N ARG A 318 15.36 2.47 19.37
CA ARG A 318 13.95 2.26 19.59
C ARG A 318 13.56 0.79 19.67
N ARG A 319 14.46 -0.14 19.35
CA ARG A 319 14.17 -1.59 19.37
C ARG A 319 13.70 -2.10 20.72
N ALA B 30 -30.36 -25.91 1.83
CA ALA B 30 -30.45 -26.99 2.81
C ALA B 30 -29.34 -28.02 2.57
N THR B 31 -28.46 -27.71 1.63
CA THR B 31 -27.40 -28.63 1.20
C THR B 31 -26.53 -29.10 2.35
N PRO B 32 -26.41 -30.40 2.60
CA PRO B 32 -25.39 -30.88 3.53
C PRO B 32 -23.99 -30.59 3.02
N VAL B 33 -23.11 -30.21 3.94
CA VAL B 33 -21.74 -29.84 3.60
C VAL B 33 -20.78 -30.58 4.52
N THR B 34 -19.59 -30.85 4.00
CA THR B 34 -18.54 -31.52 4.75
C THR B 34 -17.26 -30.69 4.73
N ILE B 35 -16.67 -30.46 5.90
CA ILE B 35 -15.46 -29.66 6.05
C ILE B 35 -14.31 -30.59 6.41
N ILE B 36 -13.27 -30.59 5.58
CA ILE B 36 -12.04 -31.34 5.80
C ILE B 36 -10.97 -30.36 6.25
N GLY B 37 -10.52 -30.49 7.50
CA GLY B 37 -9.52 -29.58 8.05
C GLY B 37 -10.15 -28.54 8.93
N LEU B 38 -9.82 -28.53 10.22
CA LEU B 38 -10.54 -27.73 11.19
C LEU B 38 -9.62 -26.73 11.89
N GLY B 39 -8.65 -26.20 11.14
CA GLY B 39 -7.84 -25.11 11.61
C GLY B 39 -8.67 -23.86 11.80
N ALA B 40 -8.01 -22.73 12.00
CA ALA B 40 -8.75 -21.50 12.28
C ALA B 40 -9.72 -21.18 11.16
N MET B 41 -9.31 -21.41 9.91
CA MET B 41 -10.18 -21.15 8.77
C MET B 41 -11.26 -22.22 8.66
N GLY B 42 -10.87 -23.49 8.74
CA GLY B 42 -11.87 -24.55 8.67
C GLY B 42 -12.95 -24.40 9.73
N THR B 43 -12.54 -24.11 10.97
CA THR B 43 -13.50 -23.95 12.05
C THR B 43 -14.52 -22.87 11.73
N ALA B 44 -14.07 -21.76 11.15
CA ALA B 44 -15.00 -20.69 10.81
C ALA B 44 -15.98 -21.11 9.71
N LEU B 45 -15.50 -21.87 8.72
CA LEU B 45 -16.41 -22.37 7.68
C LEU B 45 -17.49 -23.26 8.29
N ALA B 46 -17.07 -24.28 9.04
CA ALA B 46 -18.02 -25.16 9.71
C ALA B 46 -19.04 -24.36 10.52
N ASN B 47 -18.57 -23.43 11.34
CA ASN B 47 -19.48 -22.69 12.21
C ASN B 47 -20.48 -21.87 11.39
N ALA B 48 -20.03 -21.31 10.26
CA ALA B 48 -20.91 -20.47 9.47
C ALA B 48 -22.03 -21.29 8.84
N PHE B 49 -21.74 -22.55 8.50
CA PHE B 49 -22.78 -23.39 7.90
C PHE B 49 -23.82 -23.79 8.94
N LEU B 50 -23.36 -24.20 10.14
CA LEU B 50 -24.29 -24.53 11.20
C LEU B 50 -25.22 -23.36 11.50
N ASP B 51 -24.70 -22.13 11.45
CA ASP B 51 -25.55 -20.97 11.65
C ASP B 51 -26.61 -20.85 10.55
N ALA B 52 -26.20 -21.00 9.29
CA ALA B 52 -27.15 -20.97 8.18
C ALA B 52 -28.04 -22.21 8.11
N GLY B 53 -27.81 -23.20 8.97
CA GLY B 53 -28.70 -24.34 9.07
C GLY B 53 -28.38 -25.49 8.15
N HIS B 54 -27.14 -25.60 7.68
CA HIS B 54 -26.75 -26.70 6.80
C HIS B 54 -26.26 -27.88 7.62
N SER B 55 -26.86 -29.06 7.38
CA SER B 55 -26.36 -30.29 7.96
C SER B 55 -24.85 -30.39 7.73
N THR B 56 -24.08 -30.10 8.76
CA THR B 56 -22.63 -30.00 8.62
C THR B 56 -21.95 -31.25 9.17
N THR B 57 -21.09 -31.84 8.34
CA THR B 57 -20.17 -32.90 8.74
C THR B 57 -18.78 -32.28 8.81
N VAL B 58 -17.99 -32.70 9.80
CA VAL B 58 -16.65 -32.14 9.99
C VAL B 58 -15.66 -33.27 10.18
N TRP B 59 -14.40 -32.98 9.86
CA TRP B 59 -13.30 -33.91 10.08
C TRP B 59 -12.01 -33.13 10.18
N ASN B 60 -11.09 -33.64 10.99
CA ASN B 60 -9.78 -33.02 11.09
C ASN B 60 -8.74 -34.09 11.43
N ARG B 61 -7.50 -33.81 11.05
CA ARG B 61 -6.40 -34.71 11.34
C ARG B 61 -6.21 -34.90 12.85
N THR B 62 -6.59 -33.91 13.65
CA THR B 62 -6.59 -34.02 15.11
C THR B 62 -8.02 -33.88 15.61
N ALA B 63 -8.52 -34.94 16.27
CA ALA B 63 -9.93 -35.02 16.63
C ALA B 63 -10.34 -33.97 17.66
N ALA B 64 -9.38 -33.40 18.40
CA ALA B 64 -9.71 -32.41 19.41
C ALA B 64 -10.45 -31.22 18.80
N ARG B 65 -9.96 -30.73 17.66
CA ARG B 65 -10.48 -29.49 17.10
C ARG B 65 -11.94 -29.59 16.70
N ALA B 66 -12.45 -30.81 16.47
CA ALA B 66 -13.84 -31.00 16.09
C ALA B 66 -14.78 -30.94 17.27
N THR B 67 -14.27 -30.95 18.50
CA THR B 67 -15.07 -31.21 19.68
C THR B 67 -16.14 -30.13 19.89
N ALA B 68 -15.71 -28.87 19.98
CA ALA B 68 -16.69 -27.80 20.17
C ALA B 68 -17.73 -27.77 19.06
N LEU B 69 -17.32 -28.12 17.84
CA LEU B 69 -18.26 -28.14 16.72
C LEU B 69 -19.35 -29.17 16.94
N ALA B 70 -18.96 -30.39 17.30
CA ALA B 70 -19.93 -31.44 17.61
C ALA B 70 -20.95 -30.98 18.65
N ALA B 71 -20.49 -30.21 19.63
CA ALA B 71 -21.39 -29.69 20.67
C ALA B 71 -22.55 -28.91 20.07
N ARG B 72 -22.26 -27.90 19.24
CA ARG B 72 -23.32 -27.09 18.64
C ARG B 72 -24.01 -27.84 17.50
N ALA B 74 -23.13 -30.69 14.96
CA ALA B 74 -22.36 -31.04 13.76
C ALA B 74 -21.81 -32.44 13.87
N HIS B 75 -22.00 -33.24 12.82
CA HIS B 75 -21.55 -34.63 12.83
C HIS B 75 -20.04 -34.69 12.72
N HIS B 76 -19.38 -35.29 13.71
CA HIS B 76 -17.92 -35.44 13.71
C HIS B 76 -17.58 -36.80 13.15
N ALA B 77 -17.28 -36.86 11.85
CA ALA B 77 -16.89 -38.10 11.22
C ALA B 77 -15.47 -38.50 11.63
N GLU B 78 -15.27 -39.81 11.81
CA GLU B 78 -14.02 -40.34 12.35
C GLU B 78 -12.94 -40.56 11.30
N THR B 79 -13.29 -40.64 10.02
CA THR B 79 -12.30 -40.79 8.96
C THR B 79 -12.68 -39.92 7.77
N VAL B 80 -11.71 -39.76 6.86
CA VAL B 80 -11.90 -38.86 5.71
C VAL B 80 -13.06 -39.35 4.85
N THR B 81 -13.21 -40.67 4.72
CA THR B 81 -14.22 -41.20 3.82
C THR B 81 -15.62 -40.97 4.37
N GLU B 82 -15.78 -41.06 5.69
CA GLU B 82 -17.08 -40.82 6.28
C GLU B 82 -17.47 -39.36 6.13
N ALA B 83 -16.53 -38.46 6.44
CA ALA B 83 -16.75 -37.04 6.20
C ALA B 83 -17.13 -36.79 4.76
N ILE B 84 -16.38 -37.40 3.83
CA ILE B 84 -16.68 -37.24 2.41
C ILE B 84 -18.08 -37.74 2.08
N ALA B 85 -18.36 -39.00 2.44
CA ALA B 85 -19.57 -39.64 1.93
C ALA B 85 -20.84 -38.95 2.38
N ALA B 86 -20.77 -38.15 3.43
CA ALA B 86 -21.99 -37.59 3.99
C ALA B 86 -22.53 -36.41 3.20
N SER B 87 -21.77 -35.85 2.27
CA SER B 87 -22.22 -34.60 1.66
C SER B 87 -21.95 -34.59 0.17
N PRO B 88 -22.83 -33.95 -0.60
CA PRO B 88 -22.55 -33.73 -2.03
C PRO B 88 -21.47 -32.68 -2.24
N LEU B 89 -21.23 -31.83 -1.25
CA LEU B 89 -20.25 -30.75 -1.30
C LEU B 89 -19.20 -31.00 -0.25
N VAL B 90 -17.94 -31.08 -0.68
CA VAL B 90 -16.80 -31.30 0.22
C VAL B 90 -15.87 -30.10 0.12
N ILE B 91 -15.68 -29.40 1.23
CA ILE B 91 -14.81 -28.25 1.30
C ILE B 91 -13.55 -28.64 2.08
N ALA B 92 -12.39 -28.50 1.46
CA ALA B 92 -11.13 -28.82 2.09
C ALA B 92 -10.34 -27.53 2.33
N CYS B 93 -9.68 -27.46 3.50
CA CYS B 93 -8.97 -26.23 3.86
C CYS B 93 -7.90 -26.58 4.89
N VAL B 94 -6.75 -27.02 4.39
CA VAL B 94 -5.62 -27.36 5.24
C VAL B 94 -4.43 -26.46 4.93
N LEU B 95 -3.26 -26.79 5.47
CA LEU B 95 -2.11 -25.91 5.48
C LEU B 95 -1.63 -25.57 4.06
N ASP B 96 -1.09 -26.56 3.36
CA ASP B 96 -0.63 -26.35 1.99
C ASP B 96 -1.14 -27.51 1.13
N TYR B 97 -0.64 -27.58 -0.10
CA TYR B 97 -1.14 -28.57 -1.05
C TYR B 97 -0.59 -29.96 -0.78
N ASP B 98 0.63 -30.04 -0.25
CA ASP B 98 1.16 -31.33 0.17
C ASP B 98 0.24 -31.95 1.23
N ALA B 99 -0.21 -31.14 2.18
CA ALA B 99 -1.24 -31.59 3.11
C ALA B 99 -2.55 -31.89 2.39
N PHE B 100 -2.77 -31.29 1.22
CA PHE B 100 -4.01 -31.54 0.50
C PHE B 100 -3.99 -32.92 -0.14
N HIS B 101 -2.85 -33.35 -0.67
CA HIS B 101 -2.78 -34.67 -1.27
C HIS B 101 -2.94 -35.76 -0.23
N GLU B 102 -2.03 -35.78 0.77
CA GLU B 102 -1.99 -36.90 1.71
C GLU B 102 -3.34 -37.14 2.37
N THR B 103 -4.11 -36.09 2.60
CA THR B 103 -5.43 -36.25 3.21
C THR B 103 -6.42 -36.91 2.26
N LEU B 104 -6.52 -36.40 1.04
CA LEU B 104 -7.60 -36.76 0.14
C LEU B 104 -7.20 -37.68 -0.99
N ALA B 105 -5.89 -37.84 -1.26
CA ALA B 105 -5.45 -38.75 -2.31
C ALA B 105 -5.90 -40.21 -2.11
N PRO B 106 -5.93 -40.77 -0.89
CA PRO B 106 -6.46 -42.13 -0.76
C PRO B 106 -7.94 -42.26 -1.11
N ALA B 107 -8.72 -41.18 -0.97
CA ALA B 107 -10.18 -41.27 -1.06
C ALA B 107 -10.74 -40.66 -2.35
N THR B 108 -9.97 -40.73 -3.44
CA THR B 108 -10.48 -40.26 -4.73
C THR B 108 -11.82 -40.91 -5.07
N ASP B 109 -11.93 -42.23 -4.90
CA ASP B 109 -13.13 -42.91 -5.34
C ASP B 109 -14.33 -42.51 -4.51
N ALA B 110 -14.12 -42.20 -3.23
CA ALA B 110 -15.20 -41.68 -2.41
C ALA B 110 -15.61 -40.29 -2.84
N LEU B 111 -14.68 -39.56 -3.47
CA LEU B 111 -14.89 -38.22 -3.98
C LEU B 111 -15.63 -38.22 -5.31
N ALA B 112 -15.71 -39.37 -5.97
CA ALA B 112 -16.26 -39.44 -7.32
C ALA B 112 -17.71 -38.99 -7.35
N GLY B 113 -18.02 -38.06 -8.25
CA GLY B 113 -19.38 -37.62 -8.37
C GLY B 113 -19.82 -36.60 -7.34
N ARG B 114 -18.88 -36.11 -6.53
CA ARG B 114 -19.14 -35.07 -5.55
C ARG B 114 -18.48 -33.77 -5.99
N ALA B 115 -18.91 -32.67 -5.36
CA ALA B 115 -18.24 -31.38 -5.51
C ALA B 115 -17.16 -31.25 -4.44
N LEU B 116 -15.93 -31.05 -4.89
CA LEU B 116 -14.79 -30.83 -4.00
C LEU B 116 -14.28 -29.40 -4.21
N VAL B 117 -14.44 -28.56 -3.19
CA VAL B 117 -13.93 -27.18 -3.17
C VAL B 117 -12.67 -27.15 -2.31
N ASN B 118 -11.55 -26.75 -2.90
CA ASN B 118 -10.25 -26.76 -2.23
C ASN B 118 -9.80 -25.32 -1.98
N LEU B 119 -10.03 -24.84 -0.75
CA LEU B 119 -9.71 -23.47 -0.35
C LEU B 119 -8.34 -23.38 0.30
N THR B 120 -7.37 -24.13 -0.19
CA THR B 120 -6.02 -24.18 0.37
C THR B 120 -5.08 -23.30 -0.44
N THR B 121 -4.24 -22.54 0.26
CA THR B 121 -3.33 -21.61 -0.40
C THR B 121 -2.28 -22.36 -1.20
N GLY B 122 -1.99 -21.88 -2.40
CA GLY B 122 -0.98 -22.51 -3.23
C GLY B 122 -0.79 -21.78 -4.54
N THR B 123 -0.04 -22.42 -5.46
CA THR B 123 0.28 -21.75 -6.71
C THR B 123 -0.76 -22.08 -7.78
N PRO B 124 -0.79 -21.29 -8.86
CA PRO B 124 -1.64 -21.67 -9.99
C PRO B 124 -1.29 -23.01 -10.58
N LYS B 125 0.02 -23.32 -10.70
CA LYS B 125 0.45 -24.63 -11.18
C LYS B 125 -0.12 -25.75 -10.32
N GLN B 126 -0.04 -25.61 -8.99
CA GLN B 126 -0.67 -26.58 -8.11
C GLN B 126 -2.16 -26.68 -8.38
N ALA B 127 -2.81 -25.53 -8.61
CA ALA B 127 -4.26 -25.52 -8.77
C ALA B 127 -4.68 -26.26 -10.02
N ARG B 128 -3.88 -26.18 -11.08
CA ARG B 128 -4.27 -26.81 -12.34
C ARG B 128 -3.92 -28.30 -12.36
N GLU B 129 -2.74 -28.67 -11.83
CA GLU B 129 -2.42 -30.08 -11.65
C GLU B 129 -3.55 -30.78 -10.91
N THR B 130 -3.88 -30.28 -9.71
CA THR B 130 -4.95 -30.87 -8.91
C THR B 130 -6.27 -30.93 -9.66
N ALA B 131 -6.52 -29.96 -10.54
CA ALA B 131 -7.80 -29.90 -11.22
C ALA B 131 -7.93 -30.92 -12.33
N SER B 132 -6.81 -31.30 -12.97
CA SER B 132 -6.86 -32.33 -14.00
C SER B 132 -6.92 -33.71 -13.39
N TRP B 133 -6.11 -33.95 -12.35
CA TRP B 133 -6.27 -35.07 -11.44
C TRP B 133 -7.74 -35.23 -11.03
N ALA B 134 -8.41 -34.13 -10.73
CA ALA B 134 -9.80 -34.24 -10.30
C ALA B 134 -10.76 -34.49 -11.45
N ALA B 135 -10.40 -34.07 -12.66
CA ALA B 135 -11.23 -34.39 -13.82
C ALA B 135 -11.05 -35.82 -14.27
N ASP B 136 -9.91 -36.43 -13.95
CA ASP B 136 -9.69 -37.83 -14.28
C ASP B 136 -10.59 -38.75 -13.45
N HIS B 137 -10.80 -38.42 -12.18
CA HIS B 137 -11.59 -39.26 -11.29
C HIS B 137 -13.01 -38.74 -11.11
N ARG B 138 -13.52 -37.98 -12.06
CA ARG B 138 -14.91 -37.55 -12.08
C ARG B 138 -15.27 -36.71 -10.87
N ILE B 139 -14.30 -36.00 -10.30
CA ILE B 139 -14.56 -35.11 -9.18
C ILE B 139 -14.78 -33.69 -9.72
N ASP B 140 -15.98 -33.16 -9.49
CA ASP B 140 -16.26 -31.76 -9.81
C ASP B 140 -15.37 -30.88 -8.94
N TYR B 141 -14.24 -30.44 -9.49
CA TYR B 141 -13.25 -29.68 -8.73
C TYR B 141 -13.47 -28.18 -8.84
N LEU B 142 -13.32 -27.49 -7.72
CA LEU B 142 -13.30 -26.03 -7.66
C LEU B 142 -12.13 -25.63 -6.80
N ASP B 143 -11.26 -24.76 -7.32
CA ASP B 143 -10.15 -24.21 -6.53
C ASP B 143 -10.55 -22.83 -6.05
N GLY B 144 -10.52 -22.64 -4.73
CA GLY B 144 -10.96 -21.39 -4.13
C GLY B 144 -9.92 -20.81 -3.20
N LYS B 145 -10.05 -19.51 -2.94
CA LYS B 145 -9.10 -18.79 -2.11
C LYS B 145 -9.87 -17.76 -1.29
N ILE B 146 -9.76 -17.84 0.03
CA ILE B 146 -10.55 -17.00 0.93
C ILE B 146 -9.87 -15.65 1.06
N MET B 147 -10.58 -14.59 0.72
CA MET B 147 -10.09 -13.23 0.91
C MET B 147 -10.84 -12.63 2.09
N ALA B 148 -10.45 -13.09 3.26
CA ALA B 148 -11.08 -12.78 4.54
C ALA B 148 -10.25 -13.46 5.62
N ILE B 149 -10.46 -13.04 6.86
CA ILE B 149 -9.81 -13.67 8.01
C ILE B 149 -10.90 -14.44 8.73
N PRO B 150 -10.60 -15.51 9.47
CA PRO B 150 -11.66 -16.42 9.96
C PRO B 150 -12.83 -15.71 10.63
N PRO B 151 -12.60 -14.69 11.47
CA PRO B 151 -13.75 -13.99 12.05
C PRO B 151 -14.66 -13.34 11.03
N GLY B 152 -14.12 -12.97 9.85
CA GLY B 152 -14.87 -12.25 8.84
C GLY B 152 -15.83 -13.08 8.01
N ILE B 153 -15.80 -14.40 8.15
CA ILE B 153 -16.73 -15.26 7.43
C ILE B 153 -18.17 -14.91 7.79
N ALA B 154 -19.07 -15.00 6.81
CA ALA B 154 -20.50 -14.75 6.97
C ALA B 154 -20.80 -13.31 7.32
N THR B 155 -19.83 -12.42 7.12
CA THR B 155 -20.04 -10.97 7.18
C THR B 155 -19.85 -10.38 5.78
N PRO B 156 -20.34 -9.16 5.53
CA PRO B 156 -20.13 -8.55 4.21
C PRO B 156 -18.66 -8.28 3.88
N ASP B 157 -17.75 -8.49 4.82
CA ASP B 157 -16.33 -8.28 4.57
C ASP B 157 -15.65 -9.48 3.93
N SER B 158 -16.28 -10.65 3.93
CA SER B 158 -15.68 -11.83 3.35
C SER B 158 -16.09 -11.99 1.89
N PHE B 159 -15.13 -12.44 1.08
CA PHE B 159 -15.42 -12.94 -0.25
C PHE B 159 -14.40 -14.01 -0.59
N ILE B 160 -14.83 -14.95 -1.43
CA ILE B 160 -14.01 -16.07 -1.86
C ILE B 160 -14.00 -16.09 -3.38
N LEU B 161 -12.83 -16.33 -3.96
CA LEU B 161 -12.66 -16.43 -5.39
C LEU B 161 -12.65 -17.89 -5.76
N TYR B 162 -13.36 -18.24 -6.82
CA TYR B 162 -13.38 -19.61 -7.27
C TYR B 162 -13.06 -19.67 -8.75
N SER B 163 -12.33 -20.70 -9.14
CA SER B 163 -12.03 -20.92 -10.54
C SER B 163 -12.18 -22.41 -10.85
N GLY B 164 -12.59 -22.69 -12.07
CA GLY B 164 -12.92 -24.04 -12.45
C GLY B 164 -14.26 -24.07 -13.14
N PRO B 165 -14.80 -25.28 -13.34
CA PRO B 165 -16.03 -25.43 -14.13
C PRO B 165 -17.16 -24.54 -13.65
N LEU B 166 -17.74 -23.79 -14.59
CA LEU B 166 -18.83 -22.90 -14.24
C LEU B 166 -20.04 -23.69 -13.74
N GLY B 167 -20.22 -24.92 -14.19
CA GLY B 167 -21.35 -25.72 -13.75
C GLY B 167 -21.22 -26.12 -12.29
N THR B 168 -20.08 -26.70 -11.92
CA THR B 168 -19.80 -27.03 -10.53
C THR B 168 -20.02 -25.84 -9.62
N PHE B 169 -19.41 -24.69 -9.95
CA PHE B 169 -19.54 -23.50 -9.14
C PHE B 169 -20.99 -23.06 -9.05
N GLU B 170 -21.65 -22.96 -10.19
CA GLU B 170 -23.01 -22.46 -10.22
C GLU B 170 -23.96 -23.39 -9.48
N ALA B 171 -23.57 -24.64 -9.27
CA ALA B 171 -24.38 -25.58 -8.49
C ALA B 171 -24.43 -25.16 -7.03
N HIS B 172 -23.28 -24.83 -6.46
CA HIS B 172 -23.13 -24.65 -5.02
C HIS B 172 -23.00 -23.19 -4.64
N ARG B 173 -23.23 -22.28 -5.59
CA ARG B 173 -23.04 -20.86 -5.33
C ARG B 173 -23.83 -20.43 -4.09
N SER B 174 -25.16 -20.53 -4.14
CA SER B 174 -25.99 -20.12 -3.01
C SER B 174 -25.51 -20.76 -1.71
N THR B 175 -25.05 -22.01 -1.77
CA THR B 175 -24.48 -22.63 -0.58
C THR B 175 -23.18 -21.96 -0.18
N LEU B 176 -22.26 -21.77 -1.13
CA LEU B 176 -20.99 -21.12 -0.82
C LEU B 176 -21.20 -19.68 -0.38
N GLU B 177 -22.28 -19.04 -0.83
CA GLU B 177 -22.59 -17.69 -0.40
C GLU B 177 -22.88 -17.61 1.09
N VAL B 178 -22.90 -18.75 1.79
CA VAL B 178 -22.91 -18.71 3.25
C VAL B 178 -21.60 -18.10 3.77
N LEU B 179 -20.47 -18.52 3.21
CA LEU B 179 -19.17 -18.09 3.71
C LEU B 179 -18.89 -16.63 3.44
N GLY B 180 -19.58 -16.04 2.49
CA GLY B 180 -19.34 -14.69 2.04
C GLY B 180 -19.59 -14.62 0.55
N ALA B 181 -19.28 -13.46 -0.05
CA ALA B 181 -19.44 -13.33 -1.49
C ALA B 181 -18.68 -14.45 -2.19
N ALA B 182 -19.28 -14.98 -3.27
CA ALA B 182 -18.66 -15.99 -4.10
C ALA B 182 -18.46 -15.40 -5.49
N ASN B 183 -17.21 -15.29 -5.91
CA ASN B 183 -16.90 -14.68 -7.20
C ASN B 183 -16.11 -15.69 -8.03
N HIS B 184 -16.72 -16.12 -9.12
CA HIS B 184 -16.06 -17.04 -10.04
C HIS B 184 -15.23 -16.21 -11.01
N VAL B 185 -13.93 -16.48 -11.07
CA VAL B 185 -13.01 -15.64 -11.82
C VAL B 185 -12.50 -16.31 -13.09
N GLY B 186 -13.01 -17.49 -13.42
CA GLY B 186 -12.65 -18.10 -14.68
C GLY B 186 -12.70 -19.62 -14.59
N THR B 187 -12.65 -20.25 -15.77
CA THR B 187 -12.63 -21.70 -15.86
C THR B 187 -11.22 -22.28 -15.79
N ASP B 188 -10.20 -21.49 -16.12
CA ASP B 188 -8.83 -21.90 -15.83
C ASP B 188 -8.72 -22.10 -14.33
N ALA B 189 -8.29 -23.30 -13.92
CA ALA B 189 -8.36 -23.67 -12.52
C ALA B 189 -7.40 -22.87 -11.67
N GLY B 190 -6.30 -22.42 -12.23
CA GLY B 190 -5.36 -21.64 -11.45
C GLY B 190 -5.70 -20.17 -11.29
N LEU B 191 -6.86 -19.73 -11.76
CA LEU B 191 -7.13 -18.30 -11.84
C LEU B 191 -7.43 -17.70 -10.47
N ALA B 192 -8.16 -18.42 -9.62
CA ALA B 192 -8.38 -17.96 -8.25
C ALA B 192 -7.05 -17.81 -7.52
N SER B 193 -6.14 -18.74 -7.75
CA SER B 193 -4.82 -18.68 -7.12
C SER B 193 -4.06 -17.45 -7.59
N LEU B 194 -4.10 -17.17 -8.89
CA LEU B 194 -3.42 -16.00 -9.43
C LEU B 194 -4.01 -14.71 -8.87
N HIS B 195 -5.34 -14.61 -8.83
CA HIS B 195 -5.99 -13.45 -8.23
C HIS B 195 -5.61 -13.33 -6.76
N ASP B 196 -5.58 -14.47 -6.05
CA ASP B 196 -5.25 -14.46 -4.63
C ASP B 196 -3.83 -13.94 -4.41
N ILE B 197 -2.86 -14.46 -5.17
CA ILE B 197 -1.49 -14.02 -5.05
C ILE B 197 -1.36 -12.55 -5.43
N ALA B 198 -2.07 -12.12 -6.48
CA ALA B 198 -2.03 -10.70 -6.87
C ALA B 198 -2.59 -9.83 -5.76
N LEU B 199 -3.70 -10.24 -5.15
CA LEU B 199 -4.30 -9.41 -4.11
C LEU B 199 -3.40 -9.36 -2.87
N LEU B 200 -2.73 -10.46 -2.56
CA LEU B 200 -1.84 -10.47 -1.40
C LEU B 200 -0.54 -9.74 -1.69
N THR B 201 -0.04 -9.80 -2.92
CA THR B 201 1.12 -8.98 -3.20
C THR B 201 0.78 -7.50 -3.10
N GLY B 202 -0.46 -7.13 -3.45
CA GLY B 202 -0.90 -5.76 -3.26
C GLY B 202 -0.87 -5.36 -1.80
N MET B 203 -1.47 -6.20 -0.95
CA MET B 203 -1.59 -5.91 0.47
C MET B 203 -0.22 -5.91 1.13
N TYR B 204 0.65 -6.85 0.75
CA TYR B 204 1.97 -6.91 1.35
C TYR B 204 2.83 -5.71 0.96
N GLY B 205 2.74 -5.30 -0.30
CA GLY B 205 3.38 -4.05 -0.68
C GLY B 205 2.96 -2.90 0.21
N MET B 206 1.66 -2.80 0.47
CA MET B 206 1.17 -1.75 1.35
C MET B 206 1.68 -1.95 2.77
N ILE B 207 1.78 -3.20 3.22
CA ILE B 207 2.27 -3.47 4.57
C ILE B 207 3.70 -2.99 4.73
N ALA B 208 4.57 -3.33 3.78
CA ALA B 208 5.94 -2.81 3.82
C ALA B 208 5.97 -1.28 3.81
N GLY B 209 5.06 -0.65 3.05
CA GLY B 209 4.99 0.81 3.08
C GLY B 209 4.65 1.32 4.47
N ILE B 210 3.63 0.70 5.08
CA ILE B 210 3.15 1.10 6.40
C ILE B 210 4.23 0.93 7.44
N LEU B 211 4.88 -0.25 7.47
CA LEU B 211 5.95 -0.49 8.44
C LEU B 211 7.10 0.48 8.23
N GLN B 212 7.47 0.71 6.97
CA GLN B 212 8.53 1.67 6.69
C GLN B 212 8.12 3.06 7.16
N ALA B 213 6.88 3.47 6.87
CA ALA B 213 6.39 4.76 7.37
C ALA B 213 6.47 4.83 8.87
N PHE B 214 6.05 3.76 9.57
CA PHE B 214 6.11 3.77 11.02
C PHE B 214 7.56 3.82 11.53
N ALA B 215 8.46 3.08 10.89
CA ALA B 215 9.85 3.11 11.33
C ALA B 215 10.42 4.52 11.18
N LEU B 216 10.03 5.21 10.11
CA LEU B 216 10.49 6.57 9.89
C LEU B 216 9.98 7.52 10.97
N ILE B 217 8.68 7.46 11.25
CA ILE B 217 8.12 8.37 12.24
C ILE B 217 8.58 8.00 13.64
N ASP B 218 8.84 6.72 13.87
CA ASP B 218 9.38 6.24 15.14
C ASP B 218 10.78 6.78 15.42
N SER B 219 11.55 7.13 14.38
CA SER B 219 12.93 7.59 14.60
C SER B 219 13.00 8.88 15.41
N GLU B 220 11.90 9.60 15.53
CA GLU B 220 11.84 10.78 16.38
C GLU B 220 10.90 10.59 17.55
N GLY B 221 10.64 9.33 17.90
CA GLY B 221 9.86 9.03 19.10
C GLY B 221 8.36 9.16 18.94
N ILE B 222 7.84 9.45 17.76
CA ILE B 222 6.41 9.63 17.60
C ILE B 222 5.74 8.26 17.62
N PRO B 223 4.64 8.08 18.37
CA PRO B 223 3.94 6.78 18.32
C PRO B 223 3.40 6.51 16.92
N ALA B 224 3.44 5.24 16.54
CA ALA B 224 2.71 4.83 15.34
C ALA B 224 1.27 5.33 15.39
N GLY B 225 0.67 5.30 16.59
CA GLY B 225 -0.72 5.70 16.72
C GLY B 225 -0.97 7.15 16.39
N ASP B 226 0.05 8.00 16.52
CA ASP B 226 -0.12 9.41 16.15
C ASP B 226 -0.23 9.59 14.64
N LEU B 227 0.44 8.73 13.88
CA LEU B 227 0.44 8.87 12.42
C LEU B 227 -0.67 8.06 11.76
N ALA B 228 -1.18 7.03 12.45
CA ALA B 228 -2.15 6.13 11.84
C ALA B 228 -3.32 6.85 11.16
N PRO B 229 -4.02 7.79 11.80
CA PRO B 229 -5.19 8.37 11.11
C PRO B 229 -4.82 9.05 9.81
N MET B 230 -3.80 9.92 9.82
CA MET B 230 -3.33 10.55 8.59
C MET B 230 -2.88 9.49 7.57
N LEU B 231 -2.12 8.49 8.02
CA LEU B 231 -1.62 7.50 7.07
C LEU B 231 -2.76 6.70 6.45
N THR B 232 -3.74 6.31 7.27
CA THR B 232 -4.92 5.62 6.75
C THR B 232 -5.63 6.43 5.67
N ASN B 233 -5.80 7.74 5.90
CA ASN B 233 -6.47 8.58 4.92
C ASN B 233 -5.64 8.70 3.65
N TRP B 234 -4.34 8.90 3.82
CA TRP B 234 -3.43 9.01 2.69
C TRP B 234 -3.50 7.76 1.82
N LEU B 235 -3.41 6.59 2.46
CA LEU B 235 -3.41 5.35 1.70
C LEU B 235 -4.78 5.06 1.09
N THR B 236 -5.84 5.53 1.75
CA THR B 236 -7.15 5.35 1.16
C THR B 236 -7.28 6.17 -0.11
N GLY B 237 -6.77 7.40 -0.12
CA GLY B 237 -6.74 8.16 -1.36
C GLY B 237 -5.80 7.54 -2.38
N ALA B 238 -4.63 7.09 -1.93
CA ALA B 238 -3.71 6.43 -2.84
C ALA B 238 -4.35 5.23 -3.50
N ALA B 239 -5.27 4.53 -2.82
CA ALA B 239 -5.90 3.36 -3.41
C ALA B 239 -6.74 3.70 -4.65
N HIS B 240 -7.08 4.98 -4.87
CA HIS B 240 -7.84 5.36 -6.05
C HIS B 240 -6.97 5.54 -7.30
N SER B 241 -5.65 5.47 -7.19
CA SER B 241 -4.82 5.48 -8.38
C SER B 241 -4.74 4.11 -9.04
N VAL B 242 -5.25 3.06 -8.38
CA VAL B 242 -5.18 1.72 -8.96
C VAL B 242 -5.70 1.75 -10.39
N ALA B 243 -6.90 2.32 -10.58
CA ALA B 243 -7.50 2.39 -11.90
C ALA B 243 -6.69 3.26 -12.85
N HIS B 244 -6.09 4.34 -12.31
CA HIS B 244 -5.20 5.16 -13.11
C HIS B 244 -4.08 4.32 -13.68
N TYR B 245 -3.41 3.54 -12.83
CA TYR B 245 -2.31 2.71 -13.30
C TYR B 245 -2.80 1.65 -14.26
N ALA B 246 -3.92 1.00 -13.94
CA ALA B 246 -4.48 -0.02 -14.82
C ALA B 246 -4.65 0.51 -16.22
N GLN B 247 -5.32 1.67 -16.34
CA GLN B 247 -5.54 2.24 -17.67
C GLN B 247 -4.24 2.54 -18.38
N GLN B 248 -3.22 3.01 -17.64
CA GLN B 248 -1.92 3.24 -18.26
C GLN B 248 -1.32 1.93 -18.74
N ILE B 249 -1.41 0.88 -17.92
CA ILE B 249 -0.84 -0.40 -18.32
C ILE B 249 -1.59 -0.96 -19.53
N ASP B 250 -2.91 -0.78 -19.56
CA ASP B 250 -3.72 -1.49 -20.57
C ASP B 250 -3.58 -0.83 -21.95
N THR B 251 -3.47 0.48 -21.99
CA THR B 251 -3.18 1.20 -23.22
C THR B 251 -1.70 1.23 -23.57
N GLY B 252 -0.81 1.00 -22.61
CA GLY B 252 0.61 1.21 -22.86
C GLY B 252 1.03 2.66 -22.89
N ASP B 253 0.15 3.56 -22.49
CA ASP B 253 0.45 4.98 -22.46
C ASP B 253 0.70 5.36 -21.01
N TYR B 254 1.97 5.59 -20.67
CA TYR B 254 2.35 5.99 -19.32
C TYR B 254 2.47 7.48 -19.19
N GLU B 255 2.06 8.25 -20.20
CA GLU B 255 2.29 9.68 -20.24
C GLU B 255 1.02 10.51 -20.12
N THR B 256 -0.06 10.13 -20.79
CA THR B 256 -1.28 10.93 -20.78
C THR B 256 -1.83 11.02 -19.37
N GLY B 257 -2.10 12.23 -18.93
CA GLY B 257 -2.66 12.44 -17.61
C GLY B 257 -1.70 12.23 -16.46
N VAL B 258 -0.42 12.54 -16.63
CA VAL B 258 0.54 12.47 -15.54
C VAL B 258 0.62 13.83 -14.87
N VAL B 259 0.45 13.85 -13.55
CA VAL B 259 0.57 15.11 -12.81
C VAL B 259 2.03 15.39 -12.39
N PHE B 260 2.67 14.43 -11.73
CA PHE B 260 4.03 14.55 -11.20
C PHE B 260 4.78 13.38 -11.84
N ASN B 261 5.72 13.68 -12.73
CA ASN B 261 6.23 12.61 -13.58
C ASN B 261 7.31 11.80 -12.87
N LEU B 262 7.80 10.78 -13.56
CA LEU B 262 8.67 9.81 -12.94
C LEU B 262 10.03 10.41 -12.60
N ALA B 263 10.57 11.21 -13.50
CA ALA B 263 11.82 11.91 -13.21
C ALA B 263 11.70 12.69 -11.89
N HIS B 264 10.58 13.39 -11.70
CA HIS B 264 10.37 14.13 -10.45
C HIS B 264 10.17 13.17 -9.28
N GLN B 265 9.37 12.11 -9.45
CA GLN B 265 9.20 11.14 -8.38
C GLN B 265 10.53 10.52 -8.00
N SER B 266 11.37 10.19 -8.99
CA SER B 266 12.65 9.54 -8.69
C SER B 266 13.61 10.48 -8.00
N HIS B 267 13.65 11.74 -8.44
CA HIS B 267 14.42 12.75 -7.73
C HIS B 267 14.01 12.82 -6.26
N GLY B 268 12.70 12.94 -5.99
CA GLY B 268 12.24 13.11 -4.63
C GLY B 268 12.35 11.84 -3.80
N PHE B 269 12.06 10.69 -4.43
CA PHE B 269 12.25 9.38 -3.78
C PHE B 269 13.64 9.26 -3.16
N ALA B 270 14.67 9.81 -3.83
CA ALA B 270 16.01 9.77 -3.27
C ALA B 270 16.09 10.50 -1.93
N LYS B 271 15.24 11.52 -1.71
CA LYS B 271 15.20 12.16 -0.40
C LYS B 271 14.64 11.20 0.65
N LEU B 272 13.66 10.36 0.27
CA LEU B 272 13.13 9.36 1.21
C LEU B 272 14.21 8.41 1.70
N VAL B 273 15.16 8.05 0.82
CA VAL B 273 16.18 7.10 1.23
C VAL B 273 17.27 7.78 2.03
N GLN B 274 17.68 8.99 1.66
CA GLN B 274 18.72 9.69 2.42
C GLN B 274 18.23 10.13 3.80
N ALA B 275 16.99 10.60 3.92
CA ALA B 275 16.41 10.87 5.23
C ALA B 275 16.43 9.64 6.12
N GLY B 276 16.00 8.51 5.57
CA GLY B 276 15.96 7.27 6.34
C GLY B 276 17.29 6.91 6.96
N GLU B 277 18.37 7.09 6.22
CA GLU B 277 19.64 6.77 6.88
C GLU B 277 20.20 7.91 7.70
N ASP B 278 19.73 9.15 7.48
CA ASP B 278 20.04 10.23 8.41
C ASP B 278 19.38 10.00 9.77
N GLN B 279 18.26 9.28 9.79
CA GLN B 279 17.49 9.03 11.00
C GLN B 279 17.82 7.68 11.64
N GLY B 280 18.79 6.94 11.11
CA GLY B 280 19.12 5.63 11.64
C GLY B 280 18.14 4.55 11.29
N VAL B 281 17.31 4.76 10.27
CA VAL B 281 16.24 3.84 9.88
C VAL B 281 16.65 3.12 8.60
N ASP B 282 16.47 1.81 8.57
CA ASP B 282 16.73 1.06 7.35
C ASP B 282 15.62 1.29 6.33
N VAL B 283 16.01 1.49 5.07
CA VAL B 283 15.08 1.78 4.00
C VAL B 283 15.19 0.77 2.85
N GLY B 284 15.73 -0.42 3.13
CA GLY B 284 15.84 -1.45 2.11
C GLY B 284 14.51 -1.92 1.53
N LEU B 285 13.41 -1.76 2.28
CA LEU B 285 12.09 -2.13 1.77
C LEU B 285 11.70 -1.36 0.53
N LEU B 286 12.29 -0.19 0.30
CA LEU B 286 11.94 0.65 -0.82
C LEU B 286 12.95 0.62 -1.95
N ARG B 287 14.15 0.09 -1.70
CA ARG B 287 15.18 0.09 -2.74
C ARG B 287 14.76 -0.59 -4.04
N PRO B 288 14.07 -1.74 -4.05
CA PRO B 288 13.77 -2.38 -5.35
C PRO B 288 12.91 -1.53 -6.28
N LEU B 289 11.82 -0.96 -5.76
CA LEU B 289 11.02 -0.07 -6.59
C LEU B 289 11.84 1.14 -7.05
N PHE B 290 12.57 1.75 -6.13
CA PHE B 290 13.44 2.88 -6.44
C PHE B 290 14.39 2.54 -7.57
N GLU B 291 15.02 1.38 -7.48
CA GLU B 291 15.90 0.91 -8.54
C GLU B 291 15.19 0.86 -9.87
N LEU B 292 13.97 0.30 -9.89
CA LEU B 292 13.25 0.19 -11.16
C LEU B 292 12.88 1.55 -11.70
N MET B 293 12.50 2.47 -10.81
CA MET B 293 12.13 3.81 -11.21
C MET B 293 13.30 4.53 -11.86
N ARG B 294 14.47 4.41 -11.24
CA ARG B 294 15.67 5.07 -11.75
C ARG B 294 16.07 4.49 -13.10
N HIS B 295 15.91 3.18 -13.27
CA HIS B 295 16.21 2.58 -14.56
C HIS B 295 15.28 3.08 -15.65
N GLN B 296 13.97 3.16 -15.36
CA GLN B 296 13.06 3.67 -16.37
C GLN B 296 13.30 5.14 -16.66
N VAL B 297 13.70 5.93 -15.66
CA VAL B 297 14.11 7.31 -15.95
C VAL B 297 15.30 7.31 -16.91
N ALA B 298 16.34 6.55 -16.59
CA ALA B 298 17.51 6.49 -17.45
C ALA B 298 17.18 5.90 -18.82
N ALA B 299 16.18 5.02 -18.91
CA ALA B 299 15.79 4.46 -20.20
C ALA B 299 14.88 5.40 -21.02
N GLY B 300 14.54 6.57 -20.51
CA GLY B 300 13.75 7.52 -21.27
C GLY B 300 12.30 7.68 -20.86
N TYR B 301 11.86 7.09 -19.77
CA TYR B 301 10.46 7.19 -19.37
C TYR B 301 10.22 8.27 -18.33
N GLY B 302 11.16 9.19 -18.14
CA GLY B 302 11.03 10.14 -17.05
C GLY B 302 9.85 11.08 -17.16
N ASN B 303 9.32 11.31 -18.35
CA ASN B 303 8.17 12.20 -18.52
C ASN B 303 6.84 11.51 -18.31
N GLY B 304 6.83 10.19 -18.20
CA GLY B 304 5.62 9.44 -17.86
C GLY B 304 5.51 9.15 -16.38
N ASP B 305 4.60 8.22 -16.06
CA ASP B 305 4.25 7.91 -14.69
C ASP B 305 4.94 6.62 -14.21
N VAL B 306 4.84 6.36 -12.91
CA VAL B 306 5.60 5.26 -12.30
C VAL B 306 5.12 3.90 -12.81
N ALA B 307 3.91 3.81 -13.37
CA ALA B 307 3.42 2.55 -13.90
C ALA B 307 4.36 1.94 -14.94
N SER B 308 5.12 2.75 -15.68
CA SER B 308 6.04 2.21 -16.68
C SER B 308 7.03 1.20 -16.07
N VAL B 309 7.23 1.25 -14.75
CA VAL B 309 8.01 0.23 -14.05
C VAL B 309 7.52 -1.19 -14.38
N ILE B 310 6.23 -1.36 -14.64
CA ILE B 310 5.71 -2.71 -14.83
C ILE B 310 6.38 -3.39 -16.02
N GLU B 311 6.83 -2.62 -17.01
CA GLU B 311 7.54 -3.19 -18.17
C GLU B 311 8.83 -3.91 -17.80
N LEU B 312 9.33 -3.75 -16.58
CA LEU B 312 10.54 -4.45 -16.17
C LEU B 312 10.26 -5.73 -15.41
N ILE B 313 9.03 -5.95 -14.98
CA ILE B 313 8.71 -7.10 -14.15
C ILE B 313 7.62 -7.98 -14.73
N ARG B 314 6.89 -7.53 -15.76
CA ARG B 314 5.89 -8.39 -16.37
C ARG B 314 6.56 -9.48 -17.23
N ARG B 315 5.77 -10.51 -17.56
CA ARG B 315 6.24 -11.56 -18.46
C ARG B 315 6.90 -10.95 -19.69
N GLU B 316 7.97 -11.60 -20.16
CA GLU B 316 8.69 -11.05 -21.31
C GLU B 316 7.79 -11.00 -22.55
N GLU B 317 7.05 -12.08 -22.80
CA GLU B 317 6.12 -12.14 -23.93
C GLU B 317 5.13 -10.98 -23.96
N ARG B 318 4.85 -10.33 -22.84
CA ARG B 318 3.83 -9.29 -22.77
C ARG B 318 4.41 -7.87 -22.77
N ARG B 319 5.72 -7.73 -22.99
CA ARG B 319 6.29 -6.39 -23.04
C ARG B 319 6.19 -5.79 -24.43
PA NAP C . 8.94 21.77 -11.19
O1A NAP C . 7.56 22.03 -11.84
O2A NAP C . 10.06 20.93 -11.77
O5B NAP C . 9.57 23.20 -10.81
C5B NAP C . 10.76 23.20 -10.04
C4B NAP C . 11.03 24.61 -9.63
O4B NAP C . 12.33 24.59 -9.08
C3B NAP C . 11.04 25.66 -10.74
O3B NAP C . 10.70 26.95 -10.22
C2B NAP C . 12.50 25.64 -11.11
O2B NAP C . 12.99 26.78 -11.82
C1B NAP C . 13.05 25.62 -9.72
N9A NAP C . 14.48 25.29 -9.69
C8A NAP C . 15.04 24.11 -10.05
N7A NAP C . 16.40 24.17 -9.90
C5A NAP C . 16.64 25.43 -9.46
C6A NAP C . 17.83 26.17 -9.11
N6A NAP C . 18.95 25.47 -9.24
N1A NAP C . 17.78 27.45 -8.70
C2A NAP C . 16.57 28.06 -8.61
N3A NAP C . 15.40 27.46 -8.91
C4A NAP C . 15.39 26.17 -9.34
O3 NAP C . 8.73 20.98 -9.76
PN NAP C . 7.35 21.24 -8.98
O1N NAP C . 6.45 20.10 -9.43
O2N NAP C . 6.81 22.68 -8.97
O5D NAP C . 7.99 20.88 -7.57
C5D NAP C . 8.54 21.84 -6.63
C4D NAP C . 8.60 21.19 -5.24
O4D NAP C . 7.24 20.92 -4.79
C3D NAP C . 9.37 19.87 -5.31
O3D NAP C . 10.35 19.70 -4.31
C2D NAP C . 8.29 18.85 -5.23
O2D NAP C . 8.83 17.68 -4.67
C1D NAP C . 7.24 19.57 -4.39
N1N NAP C . 5.97 18.95 -4.61
C2N NAP C . 5.47 18.90 -5.85
C3N NAP C . 4.25 18.28 -6.05
C7N NAP C . 3.67 18.22 -7.41
O7N NAP C . 4.12 18.95 -8.29
N7N NAP C . 2.69 17.34 -7.56
C4N NAP C . 3.53 17.69 -5.01
C5N NAP C . 4.08 17.77 -3.74
C6N NAP C . 5.31 18.40 -3.57
P2B NAP C . 13.09 26.66 -13.46
O1X NAP C . 13.46 25.23 -13.84
O2X NAP C . 11.68 26.95 -13.84
O3X NAP C . 14.09 27.80 -13.71
PA NAP D . -3.92 -23.98 10.37
O1A NAP D . -4.55 -23.24 11.59
O2A NAP D . -2.50 -24.50 10.28
O5B NAP D . -4.87 -25.21 10.01
C5B NAP D . -4.29 -25.96 8.98
C4B NAP D . -4.99 -27.27 8.95
O4B NAP D . -3.97 -28.05 8.38
C3B NAP D . -5.28 -27.81 10.34
O3B NAP D . -6.68 -28.05 10.60
C2B NAP D . -4.37 -29.03 10.40
O2B NAP D . -4.88 -30.12 11.18
C1B NAP D . -4.07 -29.32 8.95
N9A NAP D . -2.77 -29.86 8.61
C8A NAP D . -1.57 -29.27 8.84
N7A NAP D . -0.54 -30.05 8.36
C5A NAP D . -1.16 -31.14 7.83
C6A NAP D . -0.72 -32.34 7.17
N6A NAP D . 0.59 -32.42 7.05
N1A NAP D . -1.57 -33.28 6.72
C2A NAP D . -2.91 -33.08 6.92
N3A NAP D . -3.43 -31.99 7.53
C4A NAP D . -2.61 -31.02 7.98
O3 NAP D . -4.01 -23.10 8.98
PN NAP D . -5.29 -22.15 8.69
O1N NAP D . -4.83 -20.79 9.14
O2N NAP D . -6.73 -22.57 9.04
O5D NAP D . -4.98 -22.43 7.14
C5D NAP D . -5.88 -23.12 6.22
C4D NAP D . -5.72 -22.62 4.77
O4D NAP D . -6.57 -21.47 4.58
C3D NAP D . -4.31 -22.19 4.44
O3D NAP D . -3.97 -22.56 3.12
C2D NAP D . -4.35 -20.70 4.60
O2D NAP D . -3.33 -20.11 3.82
C1D NAP D . -5.75 -20.41 4.14
N1N NAP D . -6.21 -19.14 4.64
C2N NAP D . -6.07 -18.89 5.94
C3N NAP D . -6.49 -17.66 6.44
C7N NAP D . -6.34 -17.38 7.92
O7N NAP D . -6.30 -16.18 8.23
N7N NAP D . -6.24 -18.40 8.78
C4N NAP D . -7.05 -16.71 5.59
C5N NAP D . -7.18 -17.02 4.24
C6N NAP D . -6.74 -18.26 3.79
P2B NAP D . -4.02 -30.45 12.54
O1X NAP D . -2.55 -30.62 12.16
O2X NAP D . -4.24 -29.20 13.33
O3X NAP D . -4.81 -31.65 13.04
#